data_1CX3
#
_entry.id   1CX3
#
_cell.length_a   1.000
_cell.length_b   1.000
_cell.length_c   1.000
_cell.angle_alpha   90.00
_cell.angle_beta   90.00
_cell.angle_gamma   90.00
#
_symmetry.space_group_name_H-M   'P 1'
#
loop_
_entity.id
_entity.type
_entity.pdbx_description
1 polymer "DNA (5'-D(*AP*TP*GP*CP*AP*T)-3')"
2 non-polymer "N,N'-(3,7-DIAZANONYLENE)-BIS-NAPHTHALIMIDE"
#
_entity_poly.entity_id   1
_entity_poly.type   'polydeoxyribonucleotide'
_entity_poly.pdbx_seq_one_letter_code
;(DA)(DT)(DG)(DC)(DA)(DT)
;
_entity_poly.pdbx_strand_id   A,B
#